data_3OWZ
#
_entry.id   3OWZ
#
_cell.length_a   82.610
_cell.length_b   82.610
_cell.length_c   149.550
_cell.angle_alpha   90.00
_cell.angle_beta   90.00
_cell.angle_gamma   120.00
#
_symmetry.space_group_name_H-M   'P 32 2 1'
#
loop_
_entity.id
_entity.type
_entity.pdbx_description
1 polymer 'Domain II of glycine riboswitch'
2 polymer 'Domain II of glycine riboswitch'
3 non-polymer GLYCINE
4 non-polymer 'MAGNESIUM ION'
5 non-polymer 'IRIDIUM HEXAMMINE ION'
6 water water
#
loop_
_entity_poly.entity_id
_entity_poly.type
_entity_poly.pdbx_seq_one_letter_code
_entity_poly.pdbx_strand_id
1 'polyribonucleotide'
;(GDP)GCUCUGGAGAGAACCGUUUAAUCGGUCGCCGAAGGAGCAAGCUCUGCGGAAACGCAGAGUGAAACUCUCAGGCAA
AAGGACAGAGU(CCC)
;
A
2 'polyribonucleotide'
;GGCUCUGGAGAGAACCGUUUAAUCGGUCGCCGAAGGAGCAAGCUCUGCGGAAACGCAGAGUGAAACUCUCAGGCAAAAGG
ACAGAGU(CCC)
;
B
#
loop_
_chem_comp.id
_chem_comp.type
_chem_comp.name
_chem_comp.formula
A RNA linking ADENOSINE-5'-MONOPHOSPHATE 'C10 H14 N5 O7 P'
C RNA linking CYTIDINE-5'-MONOPHOSPHATE 'C9 H14 N3 O8 P'
CCC RNA linking 'CYTIDINE-5'-PHOSPHATE-2',3'-CYCLIC PHOSPHATE' 'C9 H13 N3 O10 P2'
G RNA linking GUANOSINE-5'-MONOPHOSPHATE 'C10 H14 N5 O8 P'
GDP RNA linking GUANOSINE-5'-DIPHOSPHATE 'C10 H15 N5 O11 P2'
IRI non-polymer 'IRIDIUM HEXAMMINE ION' 'H18 Ir N6 3'
MG non-polymer 'MAGNESIUM ION' 'Mg 2'
U RNA linking URIDINE-5'-MONOPHOSPHATE 'C9 H13 N2 O9 P'
#
# COMPACT_ATOMS: atom_id res chain seq x y z
PB GDP A 1 -10.15 -5.35 -7.89
O1B GDP A 1 -10.46 -6.40 -6.84
O2B GDP A 1 -9.37 -5.95 -9.05
O3B GDP A 1 -9.29 -4.16 -7.22
O3A GDP A 1 -11.51 -4.67 -8.40
PA GDP A 1 -12.12 -3.38 -7.65
O1A GDP A 1 -11.32 -2.16 -8.05
O2A GDP A 1 -12.10 -3.60 -6.16
O5' GDP A 1 -13.63 -3.22 -8.18
C5' GDP A 1 -14.38 -2.09 -7.81
C4' GDP A 1 -15.85 -2.21 -8.24
O4' GDP A 1 -16.10 -3.43 -8.92
C3' GDP A 1 -16.77 -2.27 -7.04
O3' GDP A 1 -17.15 -1.00 -6.56
C2' GDP A 1 -18.00 -3.06 -7.49
O2' GDP A 1 -18.85 -2.25 -8.26
C1' GDP A 1 -17.26 -4.06 -8.38
N9 GDP A 1 -16.90 -5.25 -7.56
C8 GDP A 1 -15.64 -5.70 -7.30
N7 GDP A 1 -15.71 -6.79 -6.50
C5 GDP A 1 -17.02 -7.04 -6.26
C6 GDP A 1 -17.65 -8.03 -5.51
O6 GDP A 1 -16.98 -8.89 -4.92
N1 GDP A 1 -19.03 -8.05 -5.43
C2 GDP A 1 -19.78 -7.09 -6.08
N2 GDP A 1 -21.11 -7.10 -6.00
N3 GDP A 1 -19.14 -6.10 -6.82
C4 GDP A 1 -17.78 -6.08 -6.91
PC CCC A 88 -26.40 -11.70 -5.28
O1C CCC A 88 -26.46 -12.68 -6.44
O2C CCC A 88 -27.27 -10.50 -5.51
P CCC A 88 -24.08 -15.32 0.09
OP1 CCC A 88 -25.02 -16.27 0.79
OP2 CCC A 88 -22.72 -15.80 -0.35
O5' CCC A 88 -24.83 -14.69 -1.18
C5' CCC A 88 -25.85 -13.71 -1.04
C4' CCC A 88 -25.54 -12.50 -1.92
O4' CCC A 88 -24.19 -12.07 -1.71
C3' CCC A 88 -25.61 -12.88 -3.40
O3' CCC A 88 -26.85 -12.46 -3.95
C2' CCC A 88 -24.43 -12.14 -4.04
O2' CCC A 88 -24.88 -11.24 -5.03
C1' CCC A 88 -23.84 -11.34 -2.87
N1 CCC A 88 -22.39 -11.17 -2.98
C2 CCC A 88 -21.87 -10.14 -3.66
O2 CCC A 88 -22.58 -9.30 -4.21
N3 CCC A 88 -20.56 -10.04 -3.74
C4 CCC A 88 -19.85 -10.99 -3.13
N4 CCC A 88 -18.53 -10.96 -3.17
C5 CCC A 88 -20.46 -11.92 -2.53
C6 CCC A 88 -21.65 -11.99 -2.47
PC CCC B 88 15.59 -25.17 -7.94
O1C CCC B 88 14.98 -26.49 -7.56
O2C CCC B 88 17.00 -25.03 -7.41
P CCC B 88 13.44 -22.00 -13.78
OP1 CCC B 88 14.03 -22.72 -14.97
OP2 CCC B 88 11.97 -21.66 -13.76
O5' CCC B 88 13.77 -22.85 -12.45
C5' CCC B 88 15.12 -23.05 -12.02
C4' CCC B 88 15.22 -22.90 -10.51
O4' CCC B 88 14.49 -21.75 -10.06
C3' CCC B 88 14.58 -24.08 -9.80
O3' CCC B 88 15.60 -25.03 -9.52
C2' CCC B 88 14.01 -23.46 -8.51
O2' CCC B 88 14.68 -23.96 -7.36
C1' CCC B 88 14.27 -21.96 -8.67
N1 CCC B 88 13.13 -21.15 -8.22
C2 CCC B 88 13.00 -20.80 -6.93
O2 CCC B 88 13.80 -21.14 -6.07
N3 CCC B 88 11.94 -20.07 -6.58
C4 CCC B 88 11.10 -19.74 -7.56
N4 CCC B 88 10.03 -19.01 -7.30
C5 CCC B 88 11.33 -20.13 -8.74
C6 CCC B 88 12.29 -20.79 -9.03
N GLY C . -5.25 11.74 -5.50
CA GLY C . -4.58 10.68 -4.70
C GLY C . -3.23 11.12 -4.17
O GLY C . -2.91 12.30 -4.10
OXT GLY C . -2.40 10.29 -3.81
MG MG D . -6.16 6.43 -4.77
MG MG E . 0.61 9.50 -2.39
MG MG F . -12.00 22.59 8.25
MG MG G . -11.94 17.53 9.14
MG MG H . -6.03 21.23 -5.56
MG MG I . -14.47 28.44 1.03
MG MG J . 21.91 -4.45 -37.56
MG MG K . -12.61 30.69 12.36
IR IRI L . -16.84 1.88 5.79
N1 IRI L . -14.86 1.41 5.76
N2 IRI L . -16.71 2.54 3.88
N3 IRI L . -18.80 2.35 5.79
N4 IRI L . -16.95 1.21 7.70
N5 IRI L . -17.29 0.02 5.14
N6 IRI L . -16.40 3.75 6.45
IR IRI M . -14.62 4.28 12.80
N1 IRI M . -13.93 4.70 10.95
N2 IRI M . -16.13 5.60 12.60
N3 IRI M . -15.29 3.83 14.66
N4 IRI M . -13.11 2.95 13.02
N5 IRI M . -15.78 2.81 12.01
N6 IRI M . -13.45 5.71 13.62
IR IRI N . 6.53 14.83 -0.49
N1 IRI N . 6.30 13.74 -2.18
N2 IRI N . 4.66 15.56 -0.68
N3 IRI N . 6.77 15.91 1.22
N4 IRI N . 8.41 14.09 -0.24
N5 IRI N . 5.79 13.29 0.62
N6 IRI N . 7.26 16.34 -1.61
IR IRI O . -3.26 4.09 -12.19
N1 IRI O . -2.31 5.01 -13.72
N2 IRI O . -4.98 4.07 -13.25
N3 IRI O . -4.16 3.17 -10.63
N4 IRI O . -1.52 4.12 -11.16
N5 IRI O . -2.79 2.28 -12.97
N6 IRI O . -3.76 5.89 -11.42
IR IRI P . 1.47 3.90 -21.17
N1 IRI P . 1.49 4.98 -22.88
N2 IRI P . -0.56 3.89 -21.22
N3 IRI P . 1.46 2.87 -19.42
N4 IRI P . 3.49 3.94 -21.13
N5 IRI P . 1.52 2.16 -22.18
N6 IRI P . 1.40 5.64 -20.13
IR IRI Q . 11.06 2.78 -22.68
N1 IRI Q . 12.17 4.07 -23.79
N2 IRI Q . 9.54 2.93 -24.01
N3 IRI Q . 9.95 1.50 -21.58
N4 IRI Q . 12.58 2.61 -21.36
N5 IRI Q . 11.82 1.22 -23.71
N6 IRI Q . 10.33 4.37 -21.65
IR IRI R . -14.67 38.00 8.33
N1 IRI R . -13.13 38.98 9.22
N2 IRI R . -13.38 37.29 6.93
N3 IRI R . -16.20 37.02 7.43
N4 IRI R . -15.95 38.73 9.72
N5 IRI R . -14.32 36.38 9.50
N6 IRI R . -15.02 39.62 7.16
IR IRI S . -3.61 18.04 13.46
N1 IRI S . -3.19 20.02 13.64
N2 IRI S . -5.57 18.39 13.82
N3 IRI S . -3.99 16.06 13.29
N4 IRI S . -1.64 17.70 13.12
N5 IRI S . -3.93 18.30 11.47
N6 IRI S . -3.29 17.83 15.45
IR IRI T . 19.30 -1.01 -44.59
N1 IRI T . 20.06 -1.04 -46.47
N2 IRI T . 17.44 -1.23 -45.36
N3 IRI T . 18.51 -1.00 -42.72
N4 IRI T . 21.17 -0.82 -43.82
N5 IRI T . 19.47 -3.03 -44.51
N6 IRI T . 19.13 1.00 -44.68
IR IRI U . -11.51 23.36 -3.73
N1 IRI U . -10.71 24.60 -5.11
N2 IRI U . -13.14 23.12 -4.91
N3 IRI U . -12.35 22.14 -2.35
N4 IRI U . -9.88 23.56 -2.56
N5 IRI U . -10.64 21.79 -4.66
N6 IRI U . -12.42 24.94 -2.83
IR IRI V . -15.54 8.62 10.46
N1 IRI V . -16.70 9.18 8.91
N2 IRI V . -17.18 8.35 11.61
N3 IRI V . -14.39 8.03 12.02
N4 IRI V . -13.92 8.91 9.30
N5 IRI V . -15.68 6.70 9.85
N6 IRI V . -15.38 10.53 11.10
IR IRI W . -13.64 -9.14 -3.60
N GLY X . 9.01 -0.65 13.86
CA GLY X . 8.52 -0.34 12.49
C GLY X . 7.48 0.77 12.48
O GLY X . 7.63 1.81 13.10
OXT GLY X . 6.43 0.63 11.86
MG MG Y . 2.65 5.89 4.44
MG MG Z . 24.31 0.67 14.73
MG MG AA . 7.42 -3.31 9.56
MG MG BA . -27.41 -16.08 34.21
MG MG CA . 24.76 3.72 9.53
MG MG DA . 14.83 3.12 20.00
MG MG EA . 15.48 14.45 3.01
MG MG FA . 3.96 2.88 10.96
IR IRI GA . 2.42 9.85 14.52
N1 IRI GA . 4.03 8.81 15.16
N2 IRI GA . 2.39 8.74 12.83
N3 IRI GA . 0.79 10.89 13.91
N4 IRI GA . 2.48 10.95 16.22
N5 IRI GA . 1.22 8.51 15.45
N6 IRI GA . 3.61 11.20 13.61
IR IRI HA . 17.86 2.59 -6.29
N1 IRI HA . 17.64 4.55 -5.82
N2 IRI HA . 19.73 2.61 -5.56
N3 IRI HA . 18.07 0.64 -6.78
N4 IRI HA . 15.96 2.56 -7.02
N5 IRI HA . 17.18 2.08 -4.46
N6 IRI HA . 18.54 3.10 -8.13
IR IRI IA . 17.68 -4.96 -3.62
N1 IRI IA . 19.50 -5.23 -4.45
N2 IRI IA . 16.85 -6.09 -5.10
N3 IRI IA . 15.85 -4.69 -2.79
N4 IRI IA . 18.50 -3.86 -2.14
N5 IRI IA . 17.98 -6.63 -2.51
N6 IRI IA . 17.39 -3.32 -4.76
IR IRI JA . 6.10 -16.09 -5.42
N1 IRI JA . 6.87 -16.51 -3.60
N2 IRI JA . 7.94 -16.22 -6.26
N3 IRI JA . 5.32 -15.64 -7.23
N4 IRI JA . 4.25 -15.99 -4.59
N5 IRI JA . 5.80 -18.07 -5.77
N6 IRI JA . 6.41 -14.13 -5.07
IR IRI KA . 34.68 14.46 15.29
N1 IRI KA . 35.40 15.22 13.56
N2 IRI KA . 33.18 13.56 14.26
N3 IRI KA . 33.99 13.68 17.04
N4 IRI KA . 36.18 15.37 16.31
N5 IRI KA . 35.85 12.83 15.05
N6 IRI KA . 33.49 16.08 15.54
IR IRI LA . 24.09 9.40 15.31
N1 IRI LA . 22.64 10.12 14.10
N2 IRI LA . 23.47 7.51 14.97
N3 IRI LA . 25.55 8.70 16.52
N4 IRI LA . 24.70 11.29 15.69
N5 IRI LA . 25.36 9.29 13.75
N6 IRI LA . 22.81 9.52 16.88
IR IRI MA . 20.31 2.66 20.26
N1 IRI MA . 21.55 1.95 18.83
N2 IRI MA . 18.73 1.82 19.32
N3 IRI MA . 19.08 3.41 21.69
N4 IRI MA . 21.89 3.50 21.21
N5 IRI MA . 20.58 0.96 21.32
N6 IRI MA . 20.06 4.35 19.17
IR IRI NA . 2.91 -9.19 13.36
N1 IRI NA . 3.13 -9.21 11.36
N2 IRI NA . 1.36 -7.90 13.22
N3 IRI NA . 2.71 -9.14 15.38
N4 IRI NA . 4.45 -10.49 13.55
N5 IRI NA . 1.64 -10.75 13.24
N6 IRI NA . 4.18 -7.62 13.46
IR IRI OA . -11.82 -9.17 24.15
N1 IRI OA . -10.20 -8.20 23.42
N2 IRI OA . -11.82 -10.38 22.52
N3 IRI OA . -13.43 -10.17 24.86
N4 IRI OA . -11.83 -7.98 25.78
N5 IRI OA . -10.59 -10.45 25.14
N6 IRI OA . -13.07 -7.90 23.19
IR IRI PA . 20.10 -0.42 -3.51
N1 IRI PA . 20.78 -0.05 -5.39
N2 IRI PA . 20.06 1.57 -3.12
N3 IRI PA . 19.46 -0.77 -1.62
N4 IRI PA . 20.18 -2.40 -3.90
N5 IRI PA . 18.19 -0.35 -4.14
N6 IRI PA . 22.03 -0.46 -2.87
IR IRI QA . -2.77 -12.24 21.22
N1 IRI QA . -2.82 -12.71 19.24
N2 IRI QA . -4.56 -13.17 21.45
N3 IRI QA . -2.73 -11.77 23.19
N4 IRI QA . -0.99 -11.30 20.97
N5 IRI QA . -1.80 -13.97 21.60
N6 IRI QA . -3.74 -10.50 20.85
#